data_5MQW
#
_entry.id   5MQW
#
_cell.length_a   102.800
_cell.length_b   102.800
_cell.length_c   102.800
_cell.angle_alpha   90.00
_cell.angle_beta   90.00
_cell.angle_gamma   90.00
#
_symmetry.space_group_name_H-M   'I 2 3'
#
loop_
_entity.id
_entity.type
_entity.pdbx_description
1 polymer Polyhedrin
2 non-polymer 'CHLORIDE ION'
3 non-polymer "GUANOSINE-5'-TRIPHOSPHATE"
4 non-polymer "ADENOSINE-5'-TRIPHOSPHATE"
5 non-polymer 'MAGNESIUM ION'
6 water water
#
_entity_poly.entity_id   1
_entity_poly.type   'polypeptide(L)'
_entity_poly.pdbx_seq_one_letter_code
;(ACE)ADVAGTSNRDFRGREQRLYNSEQYNYNNSLNGEVSLWVYAYYSDGSVLVRNCNSQYKVGISECFKSLKEVRVGQN
NDPYDEQEVNNGVYYPNGGEPTKFHSNAKPRAIQIIFSPSVNVHTIKMAKGNSVSIPKDYLQRSHPWEATGVKYRKIHVD
GEIVGYSHYFELPHEYNSISLSVSGVHKNPSSYNVAAPHNIMDVFQSCDLALKFSNRYWCELELINHYISAYAYPYLDIN
NHKYGVPLNGRQ
;
_entity_poly.pdbx_strand_id   A
#
loop_
_chem_comp.id
_chem_comp.type
_chem_comp.name
_chem_comp.formula
ACE non-polymer 'ACETYL GROUP' 'C2 H4 O'
ATP non-polymer ADENOSINE-5'-TRIPHOSPHATE 'C10 H16 N5 O13 P3'
CL non-polymer 'CHLORIDE ION' 'Cl -1'
GTP non-polymer GUANOSINE-5'-TRIPHOSPHATE 'C10 H16 N5 O14 P3'
MG non-polymer 'MAGNESIUM ION' 'Mg 2'
#
# COMPACT_ATOMS: atom_id res chain seq x y z
C ACE A 1 -9.65 25.69 -41.54
O ACE A 1 -10.50 26.47 -41.11
CH3 ACE A 1 -9.14 25.77 -42.94
N ALA A 2 -9.10 24.74 -40.79
CA ALA A 2 -9.50 24.57 -39.39
C ALA A 2 -8.92 25.67 -38.52
N ASP A 3 -9.46 25.81 -37.31
CA ASP A 3 -8.91 26.73 -36.33
C ASP A 3 -7.45 26.38 -36.02
N VAL A 4 -6.75 27.34 -35.46
CA VAL A 4 -5.35 27.17 -35.08
C VAL A 4 -5.28 26.62 -33.66
N ALA A 5 -4.34 25.71 -33.44
CA ALA A 5 -4.24 25.03 -32.15
C ALA A 5 -4.03 26.02 -31.01
N GLY A 6 -4.69 25.74 -29.89
CA GLY A 6 -4.50 26.53 -28.69
C GLY A 6 -4.94 27.99 -28.79
N THR A 7 -5.97 28.27 -29.60
CA THR A 7 -6.47 29.63 -29.75
C THR A 7 -7.98 29.74 -29.64
N SER A 8 -8.72 28.64 -29.62
CA SER A 8 -10.17 28.71 -29.68
C SER A 8 -10.77 27.51 -28.96
N ASN A 9 -12.11 27.52 -28.87
CA ASN A 9 -12.85 26.42 -28.28
C ASN A 9 -12.98 25.22 -29.21
N ARG A 10 -12.43 25.29 -30.41
CA ARG A 10 -12.51 24.19 -31.36
C ARG A 10 -11.21 23.40 -31.44
N ASP A 11 -10.36 23.50 -30.42
CA ASP A 11 -9.23 22.56 -30.29
C ASP A 11 -9.79 21.28 -29.68
N PHE A 12 -10.37 20.46 -30.55
CA PHE A 12 -11.00 19.22 -30.09
C PHE A 12 -9.94 18.23 -29.62
N ARG A 13 -8.78 18.21 -30.28
CA ARG A 13 -7.64 17.44 -29.78
C ARG A 13 -7.34 17.80 -28.34
N GLY A 14 -7.33 19.09 -28.02
CA GLY A 14 -7.09 19.51 -26.65
C GLY A 14 -8.22 19.11 -25.71
N ARG A 15 -9.47 19.27 -26.16
CA ARG A 15 -10.59 18.90 -25.31
C ARG A 15 -10.66 17.39 -25.11
N GLU A 16 -10.32 16.61 -26.14
CA GLU A 16 -10.29 15.17 -26.00
C GLU A 16 -9.21 14.72 -25.03
N GLN A 17 -8.03 15.36 -25.08
CA GLN A 17 -6.97 15.01 -24.15
C GLN A 17 -7.39 15.24 -22.71
N ARG A 18 -8.05 16.38 -22.45
CA ARG A 18 -8.52 16.66 -21.09
C ARG A 18 -9.60 15.67 -20.67
N LEU A 19 -10.49 15.32 -21.59
CA LEU A 19 -11.52 14.34 -21.27
C LEU A 19 -10.91 12.99 -20.94
N TYR A 20 -9.93 12.55 -21.73
CA TYR A 20 -9.30 11.26 -21.51
C TYR A 20 -8.75 11.16 -20.10
N ASN A 21 -8.03 12.19 -19.65
CA ASN A 21 -7.47 12.16 -18.31
C ASN A 21 -8.55 12.26 -17.24
N SER A 22 -9.55 13.12 -17.47
CA SER A 22 -10.66 13.22 -16.51
C SER A 22 -11.43 11.91 -16.42
N GLU A 23 -11.62 11.24 -17.55
CA GLU A 23 -12.35 9.97 -17.54
C GLU A 23 -11.61 8.91 -16.74
N GLN A 24 -10.29 8.84 -16.88
CA GLN A 24 -9.50 7.87 -16.12
C GLN A 24 -9.59 8.15 -14.63
N TYR A 25 -9.35 9.40 -14.23
CA TYR A 25 -9.46 9.77 -12.81
C TYR A 25 -10.82 9.40 -12.26
N ASN A 26 -11.90 9.77 -12.96
CA ASN A 26 -13.24 9.56 -12.44
C ASN A 26 -13.70 8.12 -12.58
N TYR A 27 -13.24 7.39 -13.60
CA TYR A 27 -13.54 5.96 -13.67
C TYR A 27 -12.94 5.23 -12.48
N ASN A 28 -11.71 5.60 -12.10
CA ASN A 28 -11.07 5.00 -10.94
C ASN A 28 -11.93 5.17 -9.69
N ASN A 29 -12.62 6.31 -9.58
CA ASN A 29 -13.46 6.59 -8.43
C ASN A 29 -14.87 6.03 -8.55
N SER A 30 -15.24 5.46 -9.70
CA SER A 30 -16.54 4.84 -9.83
C SER A 30 -16.55 3.48 -9.13
N LEU A 31 -17.76 2.95 -8.94
CA LEU A 31 -17.89 1.62 -8.36
C LEU A 31 -17.27 0.54 -9.24
N ASN A 32 -17.06 0.83 -10.53
CA ASN A 32 -16.42 -0.09 -11.44
C ASN A 32 -14.90 -0.05 -11.34
N GLY A 33 -14.34 0.90 -10.60
CA GLY A 33 -12.91 1.14 -10.62
C GLY A 33 -12.15 0.40 -9.53
N GLU A 34 -10.82 0.42 -9.68
CA GLU A 34 -9.94 -0.21 -8.71
C GLU A 34 -9.82 0.64 -7.45
N VAL A 35 -9.56 -0.03 -6.34
CA VAL A 35 -8.92 0.57 -5.19
C VAL A 35 -7.67 -0.25 -4.92
N SER A 36 -6.55 0.44 -4.66
CA SER A 36 -5.25 -0.21 -4.65
C SER A 36 -4.51 0.10 -3.37
N LEU A 37 -3.78 -0.89 -2.86
CA LEU A 37 -3.05 -0.80 -1.62
C LEU A 37 -1.62 -1.26 -1.84
N TRP A 38 -0.67 -0.48 -1.33
CA TRP A 38 0.74 -0.85 -1.35
C TRP A 38 1.27 -0.82 0.07
N VAL A 39 1.98 -1.88 0.48
CA VAL A 39 2.72 -1.90 1.73
C VAL A 39 4.19 -2.00 1.39
N TYR A 40 4.96 -0.98 1.75
CA TYR A 40 6.40 -0.94 1.48
C TYR A 40 7.14 -1.26 2.78
N ALA A 41 8.00 -2.26 2.73
CA ALA A 41 8.87 -2.61 3.85
C ALA A 41 10.29 -2.20 3.49
N TYR A 42 10.88 -1.34 4.30
CA TYR A 42 12.20 -0.77 4.03
C TYR A 42 13.25 -1.49 4.87
N TYR A 43 14.31 -1.95 4.22
CA TYR A 43 15.36 -2.72 4.87
C TYR A 43 16.63 -1.89 4.99
N SER A 44 17.46 -2.25 5.98
CA SER A 44 18.64 -1.47 6.30
C SER A 44 19.65 -1.44 5.15
N ASP A 45 19.62 -2.44 4.27
CA ASP A 45 20.54 -2.40 3.13
C ASP A 45 20.04 -1.52 1.99
N GLY A 46 19.00 -0.73 2.24
CA GLY A 46 18.46 0.17 1.23
C GLY A 46 17.39 -0.43 0.35
N SER A 47 17.21 -1.74 0.34
CA SER A 47 16.21 -2.34 -0.52
C SER A 47 14.81 -2.16 0.07
N VAL A 48 13.81 -2.34 -0.77
CA VAL A 48 12.41 -2.09 -0.40
C VAL A 48 11.56 -3.22 -0.95
N LEU A 49 10.88 -3.95 -0.07
CA LEU A 49 9.85 -4.89 -0.49
C LEU A 49 8.54 -4.15 -0.65
N VAL A 50 7.87 -4.37 -1.78
CA VAL A 50 6.52 -3.87 -1.99
C VAL A 50 5.57 -5.06 -2.05
N ARG A 51 4.48 -4.97 -1.29
CA ARG A 51 3.32 -5.83 -1.45
C ARG A 51 2.20 -4.96 -1.98
N ASN A 52 1.64 -5.34 -3.13
CA ASN A 52 0.58 -4.58 -3.76
C ASN A 52 -0.61 -5.48 -4.02
N CYS A 53 -1.81 -4.94 -3.82
CA CYS A 53 -3.04 -5.61 -4.18
C CYS A 53 -3.98 -4.61 -4.84
N ASN A 54 -4.59 -5.01 -5.94
CA ASN A 54 -5.52 -4.18 -6.69
C ASN A 54 -6.83 -4.93 -6.83
N SER A 55 -7.92 -4.32 -6.37
CA SER A 55 -9.21 -5.01 -6.42
C SER A 55 -10.34 -3.99 -6.42
N GLN A 56 -11.51 -4.48 -6.79
CA GLN A 56 -12.74 -3.70 -6.78
C GLN A 56 -13.35 -3.69 -5.39
N TYR A 57 -14.12 -2.66 -5.09
CA TYR A 57 -14.94 -2.55 -3.88
C TYR A 57 -14.10 -2.37 -2.61
N LYS A 58 -13.13 -3.25 -2.39
CA LYS A 58 -12.28 -3.18 -1.20
C LYS A 58 -10.97 -3.89 -1.51
N VAL A 59 -9.98 -3.69 -0.64
CA VAL A 59 -8.65 -4.23 -0.87
C VAL A 59 -7.94 -4.37 0.46
N GLY A 60 -7.03 -5.34 0.55
CA GLY A 60 -6.32 -5.57 1.79
C GLY A 60 -5.07 -6.40 1.59
N ILE A 61 -4.18 -6.32 2.58
CA ILE A 61 -2.94 -7.08 2.63
C ILE A 61 -2.75 -7.55 4.07
N SER A 62 -2.37 -8.81 4.25
CA SER A 62 -2.12 -9.38 5.57
C SER A 62 -0.76 -10.05 5.58
N GLU A 63 0.12 -9.58 6.48
CA GLU A 63 1.46 -10.12 6.61
C GLU A 63 1.70 -10.51 8.07
N CYS A 64 2.65 -11.42 8.26
CA CYS A 64 3.12 -11.78 9.59
C CYS A 64 4.56 -11.30 9.75
N PHE A 65 5.14 -11.57 10.92
CA PHE A 65 6.51 -11.11 11.18
C PHE A 65 7.49 -11.73 10.21
N LYS A 66 7.31 -13.02 9.90
CA LYS A 66 8.25 -13.69 9.00
C LYS A 66 8.12 -13.17 7.58
N SER A 67 6.89 -12.98 7.10
CA SER A 67 6.69 -12.65 5.69
C SER A 67 7.14 -11.23 5.34
N LEU A 68 7.32 -10.37 6.35
CA LEU A 68 7.85 -9.03 6.09
C LEU A 68 9.36 -8.98 6.06
N LYS A 69 10.04 -10.03 6.53
CA LYS A 69 11.49 -10.04 6.57
C LYS A 69 12.07 -10.07 5.16
N GLU A 70 13.23 -9.44 5.01
CA GLU A 70 13.88 -9.38 3.70
C GLU A 70 14.30 -10.77 3.25
N VAL A 71 13.93 -11.11 2.01
CA VAL A 71 14.38 -12.32 1.35
C VAL A 71 15.08 -11.90 0.06
N ARG A 72 16.38 -12.17 -0.04
CA ARG A 72 17.13 -11.91 -1.26
C ARG A 72 17.05 -13.16 -2.12
N VAL A 73 16.18 -13.12 -3.14
CA VAL A 73 15.96 -14.29 -3.98
C VAL A 73 17.26 -14.67 -4.67
N GLY A 74 17.58 -15.97 -4.61
CA GLY A 74 18.77 -16.49 -5.26
C GLY A 74 20.08 -16.11 -4.62
N GLN A 75 20.06 -15.56 -3.40
CA GLN A 75 21.27 -15.22 -2.66
C GLN A 75 21.17 -15.87 -1.29
N ASN A 76 22.24 -15.75 -0.51
CA ASN A 76 22.27 -16.39 0.81
C ASN A 76 21.45 -15.58 1.80
N ASN A 77 20.50 -16.24 2.45
CA ASN A 77 19.63 -15.60 3.44
C ASN A 77 19.77 -16.21 4.82
N ASP A 78 20.77 -17.08 5.02
CA ASP A 78 21.00 -17.81 6.27
C ASP A 78 19.68 -18.36 6.84
N PRO A 79 18.97 -19.22 6.09
CA PRO A 79 17.61 -19.59 6.53
C PRO A 79 17.55 -20.25 7.90
N TYR A 80 18.54 -21.06 8.27
CA TYR A 80 18.49 -21.66 9.59
C TYR A 80 18.69 -20.62 10.67
N ASP A 81 19.70 -19.76 10.51
CA ASP A 81 19.95 -18.72 11.50
C ASP A 81 18.74 -17.80 11.63
N GLU A 82 18.09 -17.48 10.51
CA GLU A 82 16.94 -16.59 10.55
C GLU A 82 15.69 -17.26 11.11
N GLN A 83 15.59 -18.58 10.99
CA GLN A 83 14.54 -19.28 11.72
C GLN A 83 14.76 -19.17 13.22
N GLU A 84 16.03 -19.20 13.65
CA GLU A 84 16.34 -19.00 15.06
C GLU A 84 16.07 -17.57 15.50
N VAL A 85 16.25 -16.60 14.59
CA VAL A 85 15.82 -15.23 14.88
C VAL A 85 14.33 -15.21 15.17
N ASN A 86 13.55 -15.87 14.31
CA ASN A 86 12.10 -15.92 14.49
C ASN A 86 11.74 -16.49 15.86
N ASN A 87 12.33 -17.64 16.21
CA ASN A 87 12.09 -18.22 17.52
C ASN A 87 12.45 -17.24 18.64
N GLY A 88 13.58 -16.54 18.50
CA GLY A 88 13.98 -15.57 19.49
C GLY A 88 13.15 -14.30 19.50
N VAL A 89 12.43 -14.03 18.41
CA VAL A 89 11.55 -12.86 18.36
C VAL A 89 10.13 -13.22 18.78
N TYR A 90 9.71 -14.47 18.57
CA TYR A 90 8.38 -14.89 19.03
C TYR A 90 8.32 -14.98 20.55
N TYR A 91 9.46 -15.28 21.19
CA TYR A 91 9.51 -15.38 22.64
C TYR A 91 10.91 -14.96 23.06
N PRO A 92 11.05 -14.10 24.06
CA PRO A 92 12.38 -13.65 24.47
C PRO A 92 13.25 -14.82 24.91
N ASN A 93 14.49 -14.84 24.39
CA ASN A 93 15.44 -15.92 24.67
C ASN A 93 14.92 -17.27 24.18
N GLY A 94 14.12 -17.26 23.11
CA GLY A 94 13.51 -18.46 22.59
C GLY A 94 14.28 -19.15 21.48
N GLY A 95 15.40 -18.59 21.05
CA GLY A 95 16.16 -19.22 19.99
C GLY A 95 17.65 -19.09 20.20
N GLU A 96 18.43 -19.45 19.19
CA GLU A 96 19.89 -19.32 19.24
C GLU A 96 20.40 -18.90 17.87
N PRO A 97 20.07 -17.69 17.42
CA PRO A 97 20.73 -17.14 16.23
C PRO A 97 22.10 -16.59 16.60
N THR A 98 22.91 -16.35 15.57
CA THR A 98 24.24 -15.81 15.77
C THR A 98 24.24 -14.29 15.80
N LYS A 99 23.10 -13.65 16.01
CA LYS A 99 23.03 -12.20 15.90
C LYS A 99 22.02 -11.62 16.89
N PHE A 100 22.29 -10.38 17.29
CA PHE A 100 21.42 -9.62 18.19
C PHE A 100 20.22 -9.06 17.43
N HIS A 101 20.47 -8.47 16.27
CA HIS A 101 19.43 -7.84 15.45
C HIS A 101 19.56 -8.34 14.03
N SER A 102 18.48 -8.95 13.52
CA SER A 102 18.46 -9.39 12.13
C SER A 102 18.30 -8.18 11.22
N ASN A 103 19.23 -8.04 10.27
CA ASN A 103 19.13 -6.96 9.29
C ASN A 103 18.01 -7.21 8.28
N ALA A 104 17.39 -8.38 8.32
CA ALA A 104 16.20 -8.64 7.51
C ALA A 104 14.95 -8.03 8.10
N LYS A 105 15.00 -7.54 9.35
CA LYS A 105 13.84 -6.90 9.95
C LYS A 105 13.58 -5.56 9.29
N PRO A 106 12.33 -5.25 8.92
CA PRO A 106 12.04 -3.95 8.31
C PRO A 106 12.39 -2.81 9.27
N ARG A 107 12.92 -1.73 8.71
CA ARG A 107 13.18 -0.52 9.48
C ARG A 107 12.03 0.46 9.45
N ALA A 108 11.10 0.30 8.51
CA ALA A 108 9.98 1.22 8.35
C ALA A 108 8.93 0.56 7.48
N ILE A 109 7.69 1.01 7.64
CA ILE A 109 6.57 0.60 6.81
C ILE A 109 5.93 1.86 6.24
N GLN A 110 5.68 1.87 4.95
CA GLN A 110 4.80 2.87 4.34
C GLN A 110 3.59 2.18 3.74
N ILE A 111 2.41 2.68 4.10
CA ILE A 111 1.15 2.23 3.53
C ILE A 111 0.65 3.31 2.61
N ILE A 112 0.38 2.95 1.36
CA ILE A 112 -0.14 3.89 0.37
C ILE A 112 -1.41 3.32 -0.24
N PHE A 113 -2.46 4.14 -0.26
CA PHE A 113 -3.69 3.83 -0.96
C PHE A 113 -3.83 4.71 -2.19
N SER A 114 -4.44 4.13 -3.23
CA SER A 114 -4.85 4.92 -4.38
C SER A 114 -5.86 5.99 -3.96
N PRO A 115 -6.03 7.04 -4.76
CA PRO A 115 -6.98 8.10 -4.37
C PRO A 115 -8.43 7.68 -4.39
N SER A 116 -8.74 6.44 -4.78
CA SER A 116 -10.11 5.94 -4.82
C SER A 116 -10.55 5.33 -3.49
N VAL A 117 -9.70 5.35 -2.48
CA VAL A 117 -10.07 4.84 -1.16
C VAL A 117 -10.83 5.92 -0.39
N ASN A 118 -11.68 5.48 0.53
CA ASN A 118 -12.30 6.35 1.52
C ASN A 118 -11.53 6.17 2.81
N VAL A 119 -10.78 7.21 3.20
CA VAL A 119 -9.88 7.08 4.35
C VAL A 119 -10.61 6.71 5.62
N HIS A 120 -11.91 7.00 5.71
CA HIS A 120 -12.65 6.67 6.92
C HIS A 120 -12.85 5.17 7.07
N THR A 121 -12.64 4.39 6.02
CA THR A 121 -12.76 2.94 6.07
C THR A 121 -11.44 2.24 6.31
N ILE A 122 -10.31 2.96 6.30
CA ILE A 122 -9.01 2.33 6.45
C ILE A 122 -8.91 1.70 7.83
N LYS A 123 -8.45 0.44 7.86
CA LYS A 123 -8.25 -0.29 9.11
C LYS A 123 -6.89 -0.96 9.05
N MET A 124 -6.22 -1.01 10.21
CA MET A 124 -4.90 -1.62 10.29
C MET A 124 -4.79 -2.41 11.59
N ALA A 125 -4.25 -3.63 11.47
CA ALA A 125 -3.89 -4.44 12.62
C ALA A 125 -2.36 -4.54 12.62
N LYS A 126 -1.71 -3.62 13.33
CA LYS A 126 -0.28 -3.70 13.60
C LYS A 126 -0.11 -4.49 14.89
N GLY A 127 0.14 -5.79 14.75
CA GLY A 127 0.24 -6.69 15.89
C GLY A 127 1.67 -6.98 16.29
N ASN A 128 1.80 -7.88 17.26
CA ASN A 128 3.11 -8.29 17.75
C ASN A 128 3.68 -9.37 16.83
N SER A 129 4.78 -9.99 17.27
CA SER A 129 5.49 -10.93 16.41
C SER A 129 4.76 -12.25 16.24
N VAL A 130 3.79 -12.56 17.09
CA VAL A 130 3.00 -13.78 16.96
C VAL A 130 1.59 -13.50 16.46
N SER A 131 1.39 -12.32 15.84
CA SER A 131 0.16 -11.98 15.11
C SER A 131 -1.03 -11.77 16.05
N ILE A 132 -0.77 -11.12 17.18
CA ILE A 132 -1.82 -10.65 18.08
C ILE A 132 -1.88 -9.14 17.97
N PRO A 133 -3.06 -8.54 17.75
CA PRO A 133 -3.12 -7.07 17.60
C PRO A 133 -2.55 -6.30 18.78
N LYS A 134 -2.94 -6.65 20.02
CA LYS A 134 -2.54 -5.91 21.21
C LYS A 134 -2.18 -6.88 22.34
N ASP A 135 -1.00 -7.51 22.21
CA ASP A 135 -0.38 -8.29 23.28
C ASP A 135 -1.12 -9.59 23.58
N TYR A 136 -2.42 -9.52 23.88
CA TYR A 136 -3.22 -10.71 24.13
C TYR A 136 -4.53 -10.62 23.34
N LEU A 137 -5.00 -11.79 22.88
CA LEU A 137 -6.22 -11.84 22.09
C LEU A 137 -7.43 -11.38 22.89
N GLN A 138 -7.46 -11.65 24.18
CA GLN A 138 -8.64 -11.35 24.98
C GLN A 138 -8.92 -9.85 25.09
N ARG A 139 -7.89 -9.02 24.94
CA ARG A 139 -8.04 -7.57 25.03
C ARG A 139 -7.93 -6.89 23.66
N SER A 140 -7.91 -7.65 22.57
CA SER A 140 -7.56 -7.13 21.27
C SER A 140 -8.80 -6.78 20.47
N HIS A 141 -8.95 -5.50 20.14
CA HIS A 141 -9.73 -5.12 18.98
C HIS A 141 -8.94 -5.51 17.73
N PRO A 142 -9.56 -6.19 16.76
CA PRO A 142 -8.82 -6.74 15.63
C PRO A 142 -8.30 -5.71 14.64
N TRP A 143 -8.49 -4.42 14.89
CA TRP A 143 -7.97 -3.38 14.00
C TRP A 143 -8.04 -2.03 14.71
N GLU A 144 -7.27 -1.08 14.18
CA GLU A 144 -7.41 0.33 14.50
C GLU A 144 -7.78 1.09 13.23
N ALA A 145 -8.63 2.10 13.39
CA ALA A 145 -9.03 2.94 12.27
C ALA A 145 -8.11 4.16 12.26
N THR A 146 -7.14 4.15 11.35
CA THR A 146 -6.04 5.10 11.37
C THR A 146 -6.12 6.14 10.26
N GLY A 147 -7.30 6.32 9.64
CA GLY A 147 -7.40 7.20 8.49
C GLY A 147 -7.02 8.65 8.79
N VAL A 148 -7.17 9.07 10.04
CA VAL A 148 -6.86 10.46 10.39
C VAL A 148 -5.36 10.73 10.33
N LYS A 149 -4.53 9.69 10.32
CA LYS A 149 -3.09 9.85 10.21
C LYS A 149 -2.58 9.82 8.78
N TYR A 150 -3.42 9.46 7.82
CA TYR A 150 -2.96 9.34 6.45
C TYR A 150 -2.79 10.72 5.83
N ARG A 151 -1.59 10.97 5.31
CA ARG A 151 -1.30 12.22 4.63
C ARG A 151 -1.75 12.14 3.18
N LYS A 152 -2.22 13.25 2.66
CA LYS A 152 -2.53 13.34 1.24
C LYS A 152 -1.24 13.50 0.46
N ILE A 153 -1.11 12.75 -0.63
CA ILE A 153 -0.01 12.94 -1.57
C ILE A 153 -0.53 13.86 -2.65
N HIS A 154 -0.16 15.15 -2.57
CA HIS A 154 -0.59 16.15 -3.53
C HIS A 154 0.44 16.30 -4.64
N VAL A 155 -0.04 16.36 -5.88
CA VAL A 155 0.77 16.77 -7.03
C VAL A 155 -0.09 17.70 -7.87
N ASP A 156 0.41 18.92 -8.10
CA ASP A 156 -0.28 19.92 -8.91
C ASP A 156 -1.69 20.22 -8.35
N GLY A 157 -1.84 20.10 -7.04
CA GLY A 157 -3.09 20.40 -6.37
C GLY A 157 -4.07 19.24 -6.30
N GLU A 158 -3.75 18.10 -6.89
CA GLU A 158 -4.63 16.94 -6.90
C GLU A 158 -4.13 15.88 -5.93
N ILE A 159 -5.05 15.24 -5.22
CA ILE A 159 -4.73 14.10 -4.37
C ILE A 159 -4.50 12.90 -5.27
N VAL A 160 -3.25 12.44 -5.38
CA VAL A 160 -2.93 11.27 -6.16
C VAL A 160 -2.82 10.01 -5.32
N GLY A 161 -2.96 10.13 -4.00
CA GLY A 161 -2.89 8.99 -3.12
C GLY A 161 -2.89 9.42 -1.68
N TYR A 162 -2.83 8.43 -0.80
CA TYR A 162 -2.77 8.65 0.64
C TYR A 162 -1.65 7.81 1.23
N SER A 163 -0.95 8.38 2.21
CA SER A 163 0.21 7.72 2.79
C SER A 163 0.14 7.71 4.31
N HIS A 164 0.38 6.55 4.90
CA HIS A 164 0.68 6.42 6.32
C HIS A 164 2.04 5.76 6.45
N TYR A 165 2.92 6.39 7.22
CA TYR A 165 4.30 5.96 7.33
C TYR A 165 4.68 5.90 8.81
N PHE A 166 5.23 4.77 9.23
CA PHE A 166 5.81 4.68 10.57
C PHE A 166 7.13 3.94 10.50
N GLU A 167 8.10 4.42 11.25
CA GLU A 167 9.40 3.78 11.33
C GLU A 167 9.36 2.68 12.37
N LEU A 168 10.28 1.72 12.23
CA LEU A 168 10.48 0.65 13.20
C LEU A 168 11.93 0.68 13.68
N PRO A 169 12.37 1.78 14.29
CA PRO A 169 13.80 1.95 14.57
C PRO A 169 14.29 1.25 15.81
N HIS A 170 13.40 0.83 16.70
CA HIS A 170 13.78 0.24 17.97
C HIS A 170 13.82 -1.28 17.86
N GLU A 171 14.61 -1.88 18.75
CA GLU A 171 14.79 -3.33 18.71
C GLU A 171 13.48 -4.07 18.96
N TYR A 172 12.55 -3.46 19.70
CA TYR A 172 11.29 -4.10 20.01
C TYR A 172 10.21 -3.87 18.95
N ASN A 173 10.54 -3.14 17.88
CA ASN A 173 9.59 -2.97 16.78
C ASN A 173 9.60 -4.24 15.92
N SER A 174 8.96 -5.28 16.46
CA SER A 174 8.78 -6.55 15.76
C SER A 174 7.29 -6.77 15.58
N ILE A 175 6.82 -6.67 14.33
CA ILE A 175 5.40 -6.51 14.06
C ILE A 175 4.89 -7.60 13.14
N SER A 176 3.58 -7.79 13.21
CA SER A 176 2.76 -8.36 12.14
C SER A 176 1.86 -7.24 11.63
N LEU A 177 1.40 -7.37 10.38
CA LEU A 177 0.74 -6.23 9.76
C LEU A 177 -0.35 -6.69 8.80
N SER A 178 -1.56 -6.18 9.00
CA SER A 178 -2.64 -6.27 8.03
C SER A 178 -3.26 -4.89 7.85
N VAL A 179 -3.68 -4.61 6.63
CA VAL A 179 -4.25 -3.31 6.26
C VAL A 179 -5.46 -3.55 5.36
N SER A 180 -6.49 -2.72 5.52
CA SER A 180 -7.69 -2.85 4.69
C SER A 180 -8.29 -1.47 4.42
N GLY A 181 -8.77 -1.28 3.20
CA GLY A 181 -9.44 -0.05 2.83
C GLY A 181 -10.56 -0.35 1.86
N VAL A 182 -11.60 0.46 1.90
CA VAL A 182 -12.80 0.28 1.07
C VAL A 182 -12.81 1.36 0.00
N HIS A 183 -13.23 0.97 -1.21
CA HIS A 183 -13.36 1.94 -2.29
C HIS A 183 -14.41 2.99 -1.96
N LYS A 184 -14.18 4.21 -2.44
CA LYS A 184 -15.17 5.27 -2.32
C LYS A 184 -16.54 4.79 -2.79
N ASN A 185 -17.56 5.17 -2.04
CA ASN A 185 -18.96 5.00 -2.47
C ASN A 185 -19.77 6.15 -1.90
N PRO A 186 -19.79 7.29 -2.59
CA PRO A 186 -20.66 8.41 -2.16
C PRO A 186 -22.14 8.14 -2.36
N SER A 187 -22.50 7.12 -3.12
CA SER A 187 -23.89 6.76 -3.28
C SER A 187 -24.38 5.99 -2.05
N SER A 188 -25.70 5.90 -1.94
CA SER A 188 -26.32 5.08 -0.90
C SER A 188 -26.54 3.64 -1.35
N TYR A 189 -26.18 3.31 -2.60
CA TYR A 189 -26.26 1.94 -3.08
C TYR A 189 -25.15 1.11 -2.44
N ASN A 190 -25.52 0.20 -1.54
CA ASN A 190 -24.56 -0.66 -0.86
C ASN A 190 -24.07 -1.74 -1.82
N VAL A 191 -22.78 -1.72 -2.12
CA VAL A 191 -22.24 -2.68 -3.10
C VAL A 191 -22.26 -4.11 -2.57
N ALA A 192 -22.36 -4.30 -1.25
CA ALA A 192 -22.38 -5.62 -0.65
C ALA A 192 -23.77 -6.00 -0.14
N ALA A 193 -24.80 -5.24 -0.51
CA ALA A 193 -26.17 -5.66 -0.31
C ALA A 193 -26.54 -6.72 -1.35
N PRO A 194 -27.62 -7.48 -1.11
CA PRO A 194 -27.89 -8.66 -1.96
C PRO A 194 -27.90 -8.42 -3.47
N HIS A 195 -28.28 -7.25 -3.95
CA HIS A 195 -28.30 -7.01 -5.39
C HIS A 195 -26.92 -7.19 -6.02
N ASN A 196 -25.84 -7.05 -5.23
CA ASN A 196 -24.49 -7.09 -5.77
C ASN A 196 -23.52 -7.84 -4.87
N ILE A 197 -24.00 -8.46 -3.79
CA ILE A 197 -23.11 -9.03 -2.77
C ILE A 197 -22.14 -10.03 -3.37
N MET A 198 -22.66 -10.92 -4.24
CA MET A 198 -21.83 -11.99 -4.78
C MET A 198 -20.72 -11.45 -5.68
N ASP A 199 -20.89 -10.26 -6.27
CA ASP A 199 -19.80 -9.66 -7.02
C ASP A 199 -18.68 -9.19 -6.09
N VAL A 200 -19.01 -8.87 -4.84
CA VAL A 200 -17.97 -8.51 -3.88
C VAL A 200 -17.20 -9.76 -3.45
N PHE A 201 -17.89 -10.88 -3.32
CA PHE A 201 -17.20 -12.14 -3.07
C PHE A 201 -16.28 -12.50 -4.22
N GLN A 202 -16.74 -12.28 -5.46
CA GLN A 202 -15.89 -12.54 -6.62
C GLN A 202 -14.70 -11.61 -6.66
N SER A 203 -14.88 -10.36 -6.21
CA SER A 203 -13.75 -9.43 -6.16
C SER A 203 -12.67 -9.95 -5.23
N CYS A 204 -13.04 -10.73 -4.22
CA CYS A 204 -12.03 -11.40 -3.39
C CYS A 204 -11.23 -12.41 -4.21
N ASP A 205 -11.89 -13.13 -5.12
CA ASP A 205 -11.17 -14.04 -6.01
C ASP A 205 -10.29 -13.26 -6.98
N LEU A 206 -10.79 -12.12 -7.47
CA LEU A 206 -10.21 -11.46 -8.63
C LEU A 206 -9.10 -10.48 -8.28
N ALA A 207 -8.99 -10.07 -7.02
CA ALA A 207 -7.92 -9.20 -6.57
C ALA A 207 -6.57 -9.68 -7.09
N LEU A 208 -5.84 -8.79 -7.74
CA LEU A 208 -4.52 -9.11 -8.28
C LEU A 208 -3.45 -8.63 -7.29
N LYS A 209 -2.49 -9.50 -7.03
CA LYS A 209 -1.43 -9.24 -6.06
C LYS A 209 -0.08 -9.19 -6.75
N PHE A 210 0.79 -8.30 -6.29
CA PHE A 210 2.14 -8.18 -6.79
C PHE A 210 3.10 -8.04 -5.62
N SER A 211 4.29 -8.64 -5.75
CA SER A 211 5.33 -8.50 -4.74
C SER A 211 6.69 -8.53 -5.41
N ASN A 212 7.56 -7.62 -4.99
CA ASN A 212 8.94 -7.61 -5.46
C ASN A 212 9.78 -6.85 -4.44
N ARG A 213 11.06 -7.22 -4.37
CA ARG A 213 12.03 -6.49 -3.56
C ARG A 213 12.93 -5.72 -4.52
N TYR A 214 12.80 -4.40 -4.50
CA TYR A 214 13.66 -3.54 -5.31
C TYR A 214 14.90 -3.16 -4.53
N TRP A 215 16.01 -3.00 -5.25
CA TRP A 215 17.30 -2.83 -4.60
C TRP A 215 17.43 -1.50 -3.87
N CYS A 216 16.66 -0.49 -4.24
CA CYS A 216 16.68 0.78 -3.51
C CYS A 216 15.47 1.61 -3.92
N GLU A 217 15.25 2.68 -3.17
CA GLU A 217 14.08 3.54 -3.40
C GLU A 217 14.14 4.19 -4.77
N LEU A 218 15.34 4.59 -5.22
CA LEU A 218 15.48 5.15 -6.56
C LEU A 218 14.94 4.20 -7.62
N GLU A 219 15.39 2.94 -7.56
CA GLU A 219 14.93 1.95 -8.55
C GLU A 219 13.44 1.70 -8.41
N LEU A 220 12.93 1.65 -7.18
CA LEU A 220 11.49 1.56 -6.96
C LEU A 220 10.77 2.72 -7.63
N ILE A 221 11.28 3.93 -7.44
CA ILE A 221 10.66 5.12 -8.03
C ILE A 221 10.67 5.03 -9.55
N ASN A 222 11.78 4.56 -10.13
CA ASN A 222 11.95 4.61 -11.57
C ASN A 222 11.15 3.52 -12.29
N HIS A 223 11.26 2.29 -11.82
CA HIS A 223 10.78 1.13 -12.57
C HIS A 223 9.48 0.55 -12.04
N TYR A 224 8.94 1.09 -10.94
CA TYR A 224 7.67 0.63 -10.40
C TYR A 224 6.70 1.80 -10.26
N ILE A 225 7.01 2.76 -9.39
CA ILE A 225 6.13 3.89 -9.15
C ILE A 225 5.85 4.66 -10.44
N SER A 226 6.92 5.19 -11.05
CA SER A 226 6.75 6.08 -12.19
C SER A 226 6.25 5.31 -13.42
N ALA A 227 6.77 4.10 -13.63
CA ALA A 227 6.42 3.34 -14.82
C ALA A 227 4.92 3.07 -14.91
N TYR A 228 4.25 2.93 -13.76
CA TYR A 228 2.86 2.51 -13.74
C TYR A 228 1.94 3.53 -13.08
N ALA A 229 2.38 4.79 -13.02
CA ALA A 229 1.53 5.92 -12.60
C ALA A 229 0.96 5.70 -11.21
N TYR A 230 1.79 5.14 -10.32
CA TYR A 230 1.49 4.91 -8.92
C TYR A 230 1.85 6.13 -8.08
N PRO A 231 1.13 6.38 -6.99
CA PRO A 231 1.55 7.45 -6.07
C PRO A 231 2.67 6.97 -5.17
N TYR A 232 3.47 7.93 -4.71
CA TYR A 232 4.57 7.58 -3.82
C TYR A 232 5.05 8.81 -3.07
N LEU A 233 5.73 8.56 -1.95
CA LEU A 233 6.33 9.59 -1.11
C LEU A 233 7.67 9.05 -0.65
N ASP A 234 8.76 9.69 -1.07
CA ASP A 234 10.08 9.16 -0.75
C ASP A 234 10.58 9.71 0.58
N ILE A 235 11.78 9.27 0.98
CA ILE A 235 12.31 9.62 2.30
C ILE A 235 12.54 11.12 2.45
N ASN A 236 12.70 11.85 1.34
CA ASN A 236 12.88 13.29 1.40
C ASN A 236 11.56 14.05 1.26
N ASN A 237 10.43 13.38 1.50
CA ASN A 237 9.11 14.01 1.47
C ASN A 237 8.76 14.50 0.07
N HIS A 238 9.32 13.90 -0.96
CA HIS A 238 8.98 14.25 -2.33
C HIS A 238 7.80 13.40 -2.81
N LYS A 239 6.83 14.06 -3.43
CA LYS A 239 5.60 13.41 -3.85
C LYS A 239 5.68 13.01 -5.31
N TYR A 240 5.15 11.82 -5.63
CA TYR A 240 5.13 11.30 -6.99
C TYR A 240 3.71 10.87 -7.34
N GLY A 241 3.34 11.09 -8.59
CA GLY A 241 2.02 10.77 -9.07
C GLY A 241 1.70 11.54 -10.33
N VAL A 242 0.62 11.15 -10.97
CA VAL A 242 0.17 11.82 -12.20
C VAL A 242 -1.19 12.47 -11.95
N PRO A 243 -1.25 13.78 -11.82
CA PRO A 243 -2.56 14.45 -11.68
C PRO A 243 -3.35 14.36 -12.98
N LEU A 244 -4.65 14.12 -12.84
CA LEU A 244 -5.45 13.73 -14.00
C LEU A 244 -6.73 14.54 -14.19
N ASN A 245 -7.41 14.91 -13.10
CA ASN A 245 -8.75 15.48 -13.23
C ASN A 245 -8.70 16.88 -13.83
N GLY A 246 -9.42 17.08 -14.92
CA GLY A 246 -9.45 18.36 -15.60
C GLY A 246 -8.14 18.80 -16.21
N ARG A 247 -7.21 17.86 -16.45
CA ARG A 247 -5.86 18.19 -16.84
C ARG A 247 -5.51 17.57 -18.19
N GLN A 248 -4.70 18.28 -18.96
CA GLN A 248 -4.15 17.74 -20.18
C GLN A 248 -2.84 17.02 -19.88
CL CL B . -20.54 3.75 -10.43
PG GTP C . -6.18 25.44 -17.56
O1G GTP C . -7.58 25.30 -17.02
O2G GTP C . -5.50 24.09 -17.60
O3G GTP C . -6.24 26.01 -18.96
O3B GTP C . -5.38 26.47 -16.61
PB GTP C . -4.10 26.08 -15.70
O1B GTP C . -4.07 26.99 -14.50
O2B GTP C . -4.16 24.64 -15.26
O3A GTP C . -2.80 26.41 -16.62
PA GTP C . -1.85 25.30 -17.30
O1A GTP C . -1.86 25.48 -18.79
O2A GTP C . -2.23 23.89 -16.93
O5' GTP C . -0.37 25.64 -16.73
C5' GTP C . -0.08 25.33 -15.39
C4' GTP C . 1.43 25.29 -15.11
O4' GTP C . 2.06 26.50 -15.49
C3' GTP C . 1.70 25.10 -13.63
O3' GTP C . 1.99 23.74 -13.37
C2' GTP C . 2.89 25.97 -13.32
O2' GTP C . 4.05 25.19 -13.16
C1' GTP C . 3.04 26.88 -14.53
N9 GTP C . 2.79 28.28 -14.16
C8 GTP C . 3.67 29.33 -14.23
N7 GTP C . 3.04 30.45 -13.80
C5 GTP C . 1.77 30.13 -13.47
C6 GTP C . 0.71 30.89 -13.00
O6 GTP C . 0.84 32.09 -12.79
N1 GTP C . -0.51 30.27 -12.75
C2 GTP C . -0.66 28.91 -12.98
N2 GTP C . -1.82 28.32 -12.74
N3 GTP C . 0.41 28.17 -13.46
C4 GTP C . 1.60 28.77 -13.70
PG ATP D . 4.35 21.53 -4.16
O1G ATP D . 3.79 21.81 -2.80
O2G ATP D . 5.46 22.46 -4.58
O3G ATP D . 4.63 20.08 -4.41
PB ATP D . 2.09 20.81 -5.71
O1B ATP D . 1.43 20.17 -4.51
O2B ATP D . 2.75 19.96 -6.75
O3B ATP D . 3.15 21.90 -5.18
PA ATP D . 1.29 23.16 -7.06
O1A ATP D . 1.37 24.16 -5.94
O2A ATP D . 2.45 23.00 -8.03
O3A ATP D . 0.96 21.73 -6.41
O5' ATP D . -0.04 23.49 -7.90
C5' ATP D . -1.32 23.56 -7.26
C4' ATP D . -2.17 24.48 -8.10
O4' ATP D . -1.52 25.75 -8.19
C3' ATP D . -2.29 23.93 -9.52
O3' ATP D . -3.64 24.10 -9.97
C2' ATP D . -1.37 24.80 -10.36
O2' ATP D . -1.94 25.04 -11.66
C1' ATP D . -1.24 26.07 -9.56
N9 ATP D . 0.10 26.69 -9.68
C8 ATP D . 1.29 26.08 -9.81
N7 ATP D . 2.30 26.98 -9.90
C5 ATP D . 1.75 28.21 -9.82
C6 ATP D . 2.23 29.61 -9.83
N6 ATP D . 3.55 29.90 -9.96
N1 ATP D . 1.31 30.60 -9.71
C2 ATP D . 0.00 30.33 -9.58
N3 ATP D . -0.51 29.08 -9.56
C4 ATP D . 0.29 28.01 -9.68
MG MG E . -4.69 22.74 -16.31
#